data_4NOC
#
_entry.id   4NOC
#
_cell.length_a   99.434
_cell.length_b   99.434
_cell.length_c   260.582
_cell.angle_alpha   90.00
_cell.angle_beta   90.00
_cell.angle_gamma   90.00
#
_symmetry.space_group_name_H-M   'I 41 2 2'
#
loop_
_entity.id
_entity.type
_entity.pdbx_description
1 polymer 'Putative signal transduction protein with CBS domains'
2 non-polymer 'SULFATE ION'
3 water water
#
_entity_poly.entity_id   1
_entity_poly.type   'polypeptide(L)'
_entity_poly.pdbx_seq_one_letter_code
;SNA(MSE)HGEQ(MSE)AEQFPVVGLDSDAREAVELLASRRLPGLIVVDEKGSPHSVLPASQVVRFLVPSYVQDDPSLAR
VIDESLADQVADKLAGVTVRKLLPSQPAELPVVKHDDTVLEVAAI(MSE)ARLRCPLVAVVKNKEIIGAITASRLLELVV
SPH
;
_entity_poly.pdbx_strand_id   A,B,C,D
#
# COMPACT_ATOMS: atom_id res chain seq x y z
N HIS A 5 -7.52 -8.72 -16.94
CA HIS A 5 -7.60 -8.97 -15.52
C HIS A 5 -6.40 -9.76 -15.01
N GLY A 6 -6.32 -9.94 -13.70
CA GLY A 6 -5.22 -10.69 -13.09
C GLY A 6 -4.99 -12.02 -13.77
N GLU A 7 -6.07 -12.69 -14.15
CA GLU A 7 -6.00 -13.96 -14.87
C GLU A 7 -5.17 -13.89 -16.15
N GLN A 8 -5.44 -12.90 -16.98
CA GLN A 8 -4.70 -12.73 -18.21
C GLN A 8 -3.29 -12.21 -17.97
N ALA A 10 -1.31 -12.96 -15.41
CA ALA A 10 -0.46 -13.94 -14.74
C ALA A 10 0.32 -14.77 -15.74
N GLU A 11 1.49 -15.22 -15.31
CA GLU A 11 2.27 -16.18 -16.07
C GLU A 11 2.50 -17.43 -15.23
N GLN A 12 2.76 -18.55 -15.90
CA GLN A 12 3.00 -19.80 -15.21
C GLN A 12 4.27 -19.66 -14.39
N PHE A 13 4.24 -20.17 -13.16
CA PHE A 13 5.36 -20.03 -12.24
C PHE A 13 5.48 -21.35 -11.46
N PRO A 14 6.70 -21.91 -11.35
CA PRO A 14 6.74 -23.20 -10.66
C PRO A 14 6.45 -23.11 -9.16
N VAL A 15 5.77 -24.15 -8.70
CA VAL A 15 5.23 -24.24 -7.36
C VAL A 15 5.82 -25.49 -6.72
N VAL A 16 6.12 -25.43 -5.43
CA VAL A 16 6.50 -26.64 -4.68
C VAL A 16 5.78 -26.71 -3.35
N GLY A 17 5.58 -27.94 -2.85
CA GLY A 17 4.93 -28.14 -1.57
C GLY A 17 5.85 -27.88 -0.38
N LEU A 18 5.26 -27.35 0.68
CA LEU A 18 5.96 -27.13 1.94
C LEU A 18 6.67 -28.39 2.46
N ASP A 19 6.05 -29.55 2.29
CA ASP A 19 6.66 -30.79 2.75
C ASP A 19 7.46 -31.52 1.66
N SER A 20 7.64 -30.91 0.52
CA SER A 20 8.41 -31.55 -0.55
C SER A 20 9.94 -31.43 -0.34
N ASP A 21 10.68 -32.26 -1.06
CA ASP A 21 12.10 -32.42 -0.86
C ASP A 21 12.93 -31.14 -1.14
N ALA A 22 13.77 -30.76 -0.18
CA ALA A 22 14.60 -29.56 -0.34
C ALA A 22 15.53 -29.64 -1.55
N ARG A 23 16.24 -30.76 -1.70
CA ARG A 23 17.18 -30.93 -2.82
C ARG A 23 16.48 -30.69 -4.14
N GLU A 24 15.33 -31.33 -4.33
CA GLU A 24 14.56 -31.18 -5.55
C GLU A 24 14.21 -29.72 -5.87
N ALA A 25 13.80 -28.97 -4.85
CA ALA A 25 13.49 -27.56 -5.02
C ALA A 25 14.73 -26.77 -5.47
N VAL A 26 15.89 -27.10 -4.88
CA VAL A 26 17.12 -26.44 -5.29
C VAL A 26 17.48 -26.77 -6.74
N GLU A 27 17.28 -28.03 -7.14
CA GLU A 27 17.49 -28.42 -8.53
C GLU A 27 16.64 -27.57 -9.45
N LEU A 28 15.40 -27.28 -9.03
CA LEU A 28 14.51 -26.48 -9.84
C LEU A 28 14.98 -25.01 -9.86
N LEU A 29 15.32 -24.46 -8.71
CA LEU A 29 15.78 -23.08 -8.64
C LEU A 29 16.99 -22.88 -9.56
N ALA A 30 17.85 -23.88 -9.60
CA ALA A 30 19.10 -23.79 -10.32
C ALA A 30 18.89 -23.92 -11.82
N SER A 31 18.08 -24.90 -12.23
CA SER A 31 17.93 -25.22 -13.64
C SER A 31 17.09 -24.19 -14.35
N ARG A 32 15.88 -23.97 -13.83
CA ARG A 32 14.98 -22.98 -14.39
C ARG A 32 15.53 -21.55 -14.23
N ARG A 33 16.61 -21.41 -13.46
CA ARG A 33 17.26 -20.12 -13.23
C ARG A 33 16.28 -19.08 -12.68
N LEU A 34 15.64 -19.43 -11.57
CA LEU A 34 14.58 -18.63 -10.99
C LEU A 34 15.01 -17.84 -9.75
N PRO A 35 14.48 -16.60 -9.65
CA PRO A 35 14.69 -15.79 -8.45
C PRO A 35 14.02 -16.46 -7.26
N GLY A 36 12.91 -17.17 -7.49
CA GLY A 36 12.17 -17.83 -6.43
C GLY A 36 11.15 -18.88 -6.84
N LEU A 37 10.76 -19.72 -5.89
CA LEU A 37 9.69 -20.70 -6.10
C LEU A 37 8.48 -20.25 -5.30
N ILE A 38 7.28 -20.48 -5.82
CA ILE A 38 6.08 -20.31 -5.02
C ILE A 38 5.84 -21.55 -4.16
N VAL A 39 5.77 -21.36 -2.86
CA VAL A 39 5.60 -22.48 -1.95
C VAL A 39 4.13 -22.58 -1.57
N VAL A 40 3.55 -23.76 -1.66
CA VAL A 40 2.18 -23.95 -1.19
C VAL A 40 2.12 -24.98 -0.07
N ASP A 41 0.99 -25.03 0.64
CA ASP A 41 0.82 -26.07 1.65
C ASP A 41 0.21 -27.33 1.04
N GLU A 42 -0.02 -28.35 1.86
CA GLU A 42 -0.49 -29.65 1.40
C GLU A 42 -1.76 -29.61 0.52
N LYS A 43 -2.67 -28.69 0.83
CA LYS A 43 -3.92 -28.63 0.06
C LYS A 43 -3.85 -27.67 -1.13
N GLY A 44 -2.69 -27.06 -1.32
CA GLY A 44 -2.46 -26.23 -2.50
C GLY A 44 -2.58 -24.73 -2.32
N SER A 45 -2.80 -24.27 -1.09
CA SER A 45 -2.95 -22.83 -0.87
C SER A 45 -1.60 -22.12 -0.76
N PRO A 46 -1.50 -20.95 -1.41
CA PRO A 46 -0.32 -20.10 -1.39
C PRO A 46 0.12 -19.91 0.05
N HIS A 47 1.43 -19.92 0.26
CA HIS A 47 1.97 -19.89 1.61
C HIS A 47 3.08 -18.84 1.65
N SER A 48 4.04 -18.99 0.75
CA SER A 48 5.22 -18.16 0.78
C SER A 48 5.96 -18.24 -0.55
N VAL A 49 7.00 -17.43 -0.68
CA VAL A 49 7.92 -17.52 -1.80
C VAL A 49 9.23 -18.01 -1.24
N LEU A 50 9.92 -18.89 -1.97
CA LEU A 50 11.27 -19.32 -1.60
C LEU A 50 12.27 -18.72 -2.60
N PRO A 51 12.90 -17.60 -2.23
CA PRO A 51 13.91 -17.00 -3.12
C PRO A 51 15.19 -17.82 -3.14
N ALA A 52 15.86 -17.90 -4.30
CA ALA A 52 17.16 -18.58 -4.39
C ALA A 52 18.13 -18.05 -3.34
N SER A 53 18.09 -16.74 -3.11
CA SER A 53 19.00 -16.11 -2.16
C SER A 53 18.84 -16.69 -0.76
N GLN A 54 17.63 -17.08 -0.39
CA GLN A 54 17.36 -17.68 0.92
C GLN A 54 17.92 -19.10 1.01
N VAL A 55 17.96 -19.76 -0.14
CA VAL A 55 18.58 -21.08 -0.22
C VAL A 55 20.09 -20.95 -0.03
N VAL A 56 20.65 -19.91 -0.63
CA VAL A 56 22.06 -19.61 -0.44
C VAL A 56 22.34 -19.31 1.03
N ARG A 57 21.48 -18.54 1.68
CA ARG A 57 21.64 -18.25 3.10
C ARG A 57 21.64 -19.55 3.90
N PHE A 58 20.72 -20.45 3.55
CA PHE A 58 20.57 -21.71 4.25
C PHE A 58 21.80 -22.58 4.13
N LEU A 59 22.48 -22.51 2.99
CA LEU A 59 23.61 -23.40 2.72
C LEU A 59 24.92 -22.90 3.32
N VAL A 60 25.05 -21.59 3.49
CA VAL A 60 26.29 -21.04 4.01
C VAL A 60 26.20 -20.85 5.53
N PRO A 61 27.05 -21.59 6.27
CA PRO A 61 26.98 -21.53 7.73
C PRO A 61 27.21 -20.10 8.21
N SER A 62 26.75 -19.81 9.42
CA SER A 62 26.83 -18.44 9.94
C SER A 62 28.25 -17.99 10.26
N TYR A 63 29.11 -18.93 10.67
CA TYR A 63 30.51 -18.60 10.98
C TYR A 63 31.28 -18.22 9.71
N VAL A 64 30.71 -18.54 8.57
CA VAL A 64 31.24 -18.04 7.30
C VAL A 64 30.53 -16.73 6.96
N GLN A 65 29.29 -16.59 7.42
CA GLN A 65 28.58 -15.32 7.29
C GLN A 65 29.26 -14.28 8.17
N ASP A 66 29.22 -14.50 9.49
CA ASP A 66 29.91 -13.61 10.43
C ASP A 66 31.41 -13.89 10.47
N SER A 69 35.48 -14.79 5.23
CA SER A 69 36.93 -14.90 5.01
C SER A 69 37.42 -16.19 5.63
N LEU A 70 36.69 -16.66 6.64
CA LEU A 70 36.87 -18.00 7.19
C LEU A 70 36.49 -19.01 6.09
N ALA A 71 35.75 -18.54 5.11
CA ALA A 71 35.44 -19.31 3.90
C ALA A 71 36.72 -19.85 3.30
N ARG A 72 37.76 -19.01 3.25
CA ARG A 72 39.03 -19.35 2.64
C ARG A 72 40.00 -20.03 3.61
N VAL A 73 39.58 -20.19 4.86
CA VAL A 73 40.46 -20.81 5.86
C VAL A 73 39.95 -22.19 6.25
N ILE A 74 38.86 -22.60 5.62
CA ILE A 74 38.23 -23.90 5.88
C ILE A 74 38.29 -24.82 4.65
N ASP A 75 38.62 -26.09 4.90
CA ASP A 75 38.73 -27.10 3.84
C ASP A 75 37.37 -27.74 3.54
N GLU A 76 36.37 -26.90 3.35
CA GLU A 76 35.03 -27.39 3.09
C GLU A 76 34.51 -26.75 1.81
N SER A 77 34.15 -27.56 0.83
CA SER A 77 33.59 -27.06 -0.43
C SER A 77 32.07 -27.22 -0.46
N LEU A 78 31.37 -26.15 -0.85
CA LEU A 78 29.92 -26.15 -0.87
C LEU A 78 29.33 -27.29 -1.70
N ALA A 79 29.88 -27.50 -2.89
CA ALA A 79 29.39 -28.53 -3.81
C ALA A 79 29.28 -29.89 -3.13
N ASP A 80 30.35 -30.26 -2.42
CA ASP A 80 30.35 -31.49 -1.65
C ASP A 80 29.24 -31.41 -0.59
N GLN A 81 29.32 -30.40 0.28
CA GLN A 81 28.43 -30.27 1.42
C GLN A 81 26.93 -30.25 1.10
N VAL A 82 26.56 -29.59 -0.01
CA VAL A 82 25.15 -29.36 -0.38
C VAL A 82 24.21 -30.56 -0.22
N ALA A 83 24.64 -31.72 -0.71
CA ALA A 83 23.79 -32.91 -0.64
C ALA A 83 23.62 -33.33 0.81
N ASP A 84 24.73 -33.30 1.56
CA ASP A 84 24.70 -33.62 2.99
C ASP A 84 23.73 -32.73 3.80
N LYS A 85 23.77 -31.43 3.54
CA LYS A 85 22.95 -30.46 4.27
C LYS A 85 21.44 -30.56 3.95
N LEU A 86 21.10 -31.07 2.77
CA LEU A 86 19.71 -31.11 2.31
C LEU A 86 19.01 -32.47 2.47
N ALA A 87 19.77 -33.51 2.75
CA ALA A 87 19.19 -34.84 2.95
C ALA A 87 18.16 -34.84 4.09
N GLY A 88 16.97 -35.36 3.81
CA GLY A 88 15.92 -35.45 4.80
C GLY A 88 15.25 -34.10 5.08
N VAL A 89 15.67 -33.07 4.34
CA VAL A 89 15.22 -31.72 4.61
C VAL A 89 14.12 -31.34 3.62
N THR A 90 13.13 -30.59 4.10
CA THR A 90 12.00 -30.18 3.28
C THR A 90 12.03 -28.69 3.04
N VAL A 91 11.26 -28.25 2.06
CA VAL A 91 11.14 -26.85 1.71
C VAL A 91 10.81 -26.00 2.91
N ARG A 92 9.99 -26.55 3.80
CA ARG A 92 9.60 -25.86 5.01
C ARG A 92 10.82 -25.39 5.82
N LYS A 93 11.85 -26.23 5.90
CA LYS A 93 13.04 -25.92 6.69
C LYS A 93 13.95 -24.90 5.99
N LEU A 94 13.83 -24.80 4.67
CA LEU A 94 14.59 -23.82 3.91
C LEU A 94 14.08 -22.40 4.14
N LEU A 95 12.80 -22.28 4.49
CA LEU A 95 12.21 -20.95 4.65
C LEU A 95 12.83 -20.22 5.85
N PRO A 96 12.78 -18.89 5.84
CA PRO A 96 13.25 -18.12 7.01
C PRO A 96 12.28 -18.29 8.17
N SER A 97 12.71 -17.96 9.39
CA SER A 97 11.88 -18.11 10.58
C SER A 97 10.59 -17.30 10.49
N GLN A 98 10.65 -16.11 9.89
CA GLN A 98 9.45 -15.33 9.60
C GLN A 98 9.26 -15.19 8.08
N PRO A 99 8.65 -16.21 7.44
CA PRO A 99 8.48 -16.28 5.99
C PRO A 99 7.72 -15.10 5.42
N ALA A 100 8.23 -14.57 4.31
CA ALA A 100 7.55 -13.48 3.63
C ALA A 100 6.12 -13.88 3.33
N GLU A 101 5.19 -12.96 3.57
CA GLU A 101 3.82 -13.12 3.10
C GLU A 101 3.86 -13.09 1.59
N LEU A 102 2.92 -13.78 0.96
CA LEU A 102 2.81 -13.78 -0.48
C LEU A 102 1.47 -13.21 -0.82
N PRO A 103 1.44 -11.95 -1.26
CA PRO A 103 0.12 -11.39 -1.54
C PRO A 103 -0.48 -12.14 -2.73
N VAL A 104 -1.78 -12.36 -2.69
CA VAL A 104 -2.49 -13.13 -3.70
C VAL A 104 -3.65 -12.26 -4.18
N VAL A 105 -3.66 -11.94 -5.48
CA VAL A 105 -4.73 -11.11 -6.04
C VAL A 105 -5.82 -11.97 -6.66
N LYS A 106 -7.07 -11.51 -6.59
CA LYS A 106 -8.18 -12.22 -7.21
C LYS A 106 -8.02 -12.18 -8.72
N HIS A 107 -8.39 -13.28 -9.37
CA HIS A 107 -8.22 -13.40 -10.82
C HIS A 107 -8.96 -12.31 -11.58
N ASP A 108 -10.09 -11.81 -11.08
CA ASP A 108 -10.77 -10.75 -11.81
C ASP A 108 -10.39 -9.33 -11.43
N ASP A 109 -9.32 -9.17 -10.63
CA ASP A 109 -8.79 -7.83 -10.38
C ASP A 109 -8.39 -7.16 -11.70
N THR A 110 -8.54 -5.83 -11.77
CA THR A 110 -8.10 -5.08 -12.95
C THR A 110 -6.62 -4.80 -12.87
N VAL A 111 -6.06 -4.37 -14.00
CA VAL A 111 -4.65 -3.99 -14.07
C VAL A 111 -4.35 -2.84 -13.09
N LEU A 112 -5.27 -1.87 -12.99
CA LEU A 112 -5.10 -0.75 -12.08
C LEU A 112 -5.03 -1.26 -10.64
N GLU A 113 -5.94 -2.17 -10.28
CA GLU A 113 -5.92 -2.73 -8.92
C GLU A 113 -4.62 -3.44 -8.63
N VAL A 114 -4.17 -4.28 -9.55
CA VAL A 114 -2.94 -5.02 -9.34
C VAL A 114 -1.77 -4.06 -9.21
N ALA A 115 -1.78 -3.02 -10.03
CA ALA A 115 -0.71 -2.03 -9.98
C ALA A 115 -0.73 -1.34 -8.62
N ALA A 116 -1.92 -1.03 -8.14
CA ALA A 116 -2.04 -0.26 -6.90
C ALA A 116 -1.52 -1.12 -5.77
N ILE A 117 -1.84 -2.41 -5.84
CA ILE A 117 -1.43 -3.34 -4.80
C ILE A 117 0.09 -3.50 -4.79
N ALA A 119 2.31 -1.60 -6.08
CA ALA A 119 2.99 -0.33 -5.73
C ALA A 119 2.96 -0.12 -4.21
N ARG A 120 1.78 -0.28 -3.63
CA ARG A 120 1.60 -0.05 -2.21
C ARG A 120 2.49 -0.99 -1.39
N LEU A 121 2.46 -2.28 -1.73
CA LEU A 121 3.22 -3.27 -0.96
C LEU A 121 4.68 -3.35 -1.40
N ARG A 122 4.98 -2.86 -2.61
CA ARG A 122 6.34 -2.97 -3.16
C ARG A 122 6.83 -4.41 -3.15
N CYS A 123 5.96 -5.34 -3.54
CA CYS A 123 6.33 -6.77 -3.51
C CYS A 123 6.89 -7.16 -4.85
N PRO A 124 7.84 -8.11 -4.86
CA PRO A 124 8.50 -8.58 -6.09
C PRO A 124 7.54 -9.33 -6.99
N LEU A 125 6.58 -10.07 -6.42
CA LEU A 125 5.52 -10.73 -7.19
C LEU A 125 4.24 -10.94 -6.36
N VAL A 126 3.13 -11.21 -7.05
CA VAL A 126 1.91 -11.64 -6.39
C VAL A 126 1.45 -12.91 -7.09
N ALA A 127 0.83 -13.83 -6.33
CA ALA A 127 0.22 -15.00 -6.93
C ALA A 127 -1.16 -14.60 -7.42
N VAL A 128 -1.65 -15.33 -8.40
CA VAL A 128 -3.02 -15.13 -8.85
C VAL A 128 -3.82 -16.39 -8.56
N VAL A 129 -4.97 -16.22 -7.94
CA VAL A 129 -5.80 -17.36 -7.58
C VAL A 129 -7.18 -17.27 -8.25
N LYS A 130 -7.70 -18.41 -8.68
CA LYS A 130 -9.07 -18.50 -9.19
C LYS A 130 -9.74 -19.75 -8.62
N ASN A 131 -10.87 -19.55 -7.94
CA ASN A 131 -11.58 -20.64 -7.26
C ASN A 131 -10.65 -21.49 -6.43
N LYS A 132 -9.86 -20.84 -5.57
CA LYS A 132 -8.95 -21.51 -4.64
C LYS A 132 -7.75 -22.18 -5.32
N GLU A 133 -7.63 -22.01 -6.63
CA GLU A 133 -6.50 -22.57 -7.38
C GLU A 133 -5.52 -21.48 -7.81
N ILE A 134 -4.24 -21.73 -7.61
CA ILE A 134 -3.20 -20.87 -8.12
C ILE A 134 -3.05 -21.09 -9.63
N ILE A 135 -3.30 -20.05 -10.41
CA ILE A 135 -3.23 -20.17 -11.86
C ILE A 135 -1.95 -19.55 -12.45
N GLY A 136 -1.16 -18.88 -11.60
CA GLY A 136 0.08 -18.28 -12.05
C GLY A 136 0.54 -17.15 -11.12
N ALA A 137 1.48 -16.33 -11.60
CA ALA A 137 1.98 -15.21 -10.82
C ALA A 137 2.20 -13.98 -11.69
N ILE A 138 2.29 -12.81 -11.05
CA ILE A 138 2.59 -11.56 -11.73
C ILE A 138 3.76 -10.91 -11.02
N THR A 139 4.92 -10.87 -11.67
CA THR A 139 6.09 -10.24 -11.08
C THR A 139 6.03 -8.74 -11.30
N ALA A 140 6.87 -8.02 -10.56
CA ALA A 140 7.00 -6.58 -10.74
C ALA A 140 7.35 -6.24 -12.20
N SER A 141 8.28 -6.99 -12.82
CA SER A 141 8.67 -6.65 -14.20
C SER A 141 7.55 -6.98 -15.20
N ARG A 142 6.73 -7.97 -14.88
CA ARG A 142 5.62 -8.33 -15.73
C ARG A 142 4.60 -7.19 -15.70
N LEU A 143 4.38 -6.63 -14.52
CA LEU A 143 3.50 -5.48 -14.38
C LEU A 143 4.04 -4.30 -15.20
N LEU A 144 5.34 -4.03 -15.10
CA LEU A 144 5.91 -2.94 -15.87
C LEU A 144 5.72 -3.20 -17.36
N GLU A 145 5.94 -4.44 -17.80
CA GLU A 145 5.85 -4.77 -19.22
C GLU A 145 4.45 -4.46 -19.74
N LEU A 146 3.43 -4.74 -18.92
CA LEU A 146 2.05 -4.44 -19.34
C LEU A 146 1.80 -2.94 -19.45
N VAL A 147 2.18 -2.17 -18.42
CA VAL A 147 1.93 -0.73 -18.44
C VAL A 147 2.74 0.08 -19.47
N VAL A 148 3.86 -0.45 -19.97
CA VAL A 148 4.58 0.29 -21.02
C VAL A 148 4.49 -0.43 -22.35
N SER A 149 3.55 -1.34 -22.49
CA SER A 149 3.43 -2.10 -23.74
C SER A 149 2.91 -1.22 -24.87
N PRO A 150 3.34 -1.53 -26.11
CA PRO A 150 2.90 -0.65 -27.19
C PRO A 150 1.40 -0.82 -27.49
N HIS A 151 0.72 0.27 -27.86
CA HIS A 151 -0.70 0.23 -28.25
C HIS A 151 -1.00 1.24 -29.33
N HIS B 5 36.05 -19.19 -10.07
CA HIS B 5 36.28 -17.87 -9.51
C HIS B 5 35.23 -16.88 -10.01
N GLY B 6 35.18 -15.71 -9.37
CA GLY B 6 34.25 -14.65 -9.74
C GLY B 6 34.04 -14.50 -11.23
N GLU B 7 35.10 -14.15 -11.96
CA GLU B 7 35.05 -13.91 -13.40
C GLU B 7 34.43 -15.04 -14.23
N GLN B 8 34.76 -16.28 -13.91
CA GLN B 8 34.15 -17.41 -14.61
C GLN B 8 32.69 -17.60 -14.20
N ALA B 10 30.61 -15.06 -13.35
CA ALA B 10 29.83 -13.88 -13.75
C ALA B 10 29.13 -14.03 -15.11
N GLU B 11 27.99 -13.35 -15.24
CA GLU B 11 27.23 -13.34 -16.47
C GLU B 11 26.97 -11.89 -16.86
N GLN B 12 26.48 -11.65 -18.07
CA GLN B 12 26.29 -10.27 -18.54
C GLN B 12 24.95 -9.63 -18.11
N PHE B 13 25.03 -8.71 -17.15
CA PHE B 13 23.86 -8.00 -16.63
C PHE B 13 23.92 -6.56 -17.15
N PRO B 14 22.81 -6.07 -17.68
CA PRO B 14 22.75 -4.67 -18.12
C PRO B 14 22.88 -3.68 -16.95
N VAL B 15 23.47 -2.53 -17.21
CA VAL B 15 23.84 -1.57 -16.18
C VAL B 15 23.39 -0.17 -16.58
N VAL B 16 22.97 0.64 -15.61
CA VAL B 16 22.61 2.03 -15.88
C VAL B 16 23.26 3.02 -14.92
N GLY B 17 23.45 4.25 -15.39
CA GLY B 17 24.02 5.29 -14.55
C GLY B 17 22.97 6.07 -13.78
N LEU B 18 23.41 6.72 -12.71
CA LEU B 18 22.54 7.61 -11.92
C LEU B 18 21.86 8.64 -12.79
N ASP B 19 22.59 9.16 -13.77
CA ASP B 19 22.13 10.24 -14.65
C ASP B 19 21.49 9.74 -15.94
N SER B 20 21.44 8.42 -16.11
CA SER B 20 20.74 7.80 -17.23
C SER B 20 19.24 8.14 -17.26
N ASP B 21 18.61 7.93 -18.41
CA ASP B 21 17.16 8.09 -18.51
C ASP B 21 16.42 7.10 -17.63
N ALA B 22 15.50 7.61 -16.83
CA ALA B 22 14.59 6.77 -16.08
C ALA B 22 13.87 5.78 -17.02
N ARG B 23 13.52 6.27 -18.21
CA ARG B 23 12.83 5.45 -19.21
C ARG B 23 13.60 4.22 -19.67
N GLU B 24 14.90 4.39 -19.89
CA GLU B 24 15.76 3.29 -20.31
C GLU B 24 15.70 2.20 -19.28
N ALA B 25 15.73 2.62 -18.02
CA ALA B 25 15.73 1.68 -16.91
C ALA B 25 14.43 0.91 -16.87
N VAL B 26 13.33 1.62 -17.03
CA VAL B 26 12.02 0.96 -17.03
C VAL B 26 11.95 0.01 -18.20
N GLU B 27 12.38 0.45 -19.39
CA GLU B 27 12.32 -0.40 -20.56
C GLU B 27 13.18 -1.66 -20.41
N LEU B 28 14.36 -1.52 -19.82
CA LEU B 28 15.22 -2.68 -19.58
C LEU B 28 14.54 -3.67 -18.64
N LEU B 29 13.99 -3.16 -17.55
CA LEU B 29 13.34 -4.05 -16.60
C LEU B 29 12.22 -4.79 -17.29
N ALA B 30 11.49 -4.08 -18.14
CA ALA B 30 10.30 -4.63 -18.75
C ALA B 30 10.67 -5.56 -19.89
N SER B 31 11.58 -5.10 -20.76
CA SER B 31 11.97 -5.91 -21.90
C SER B 31 12.65 -7.18 -21.44
N ARG B 32 13.63 -7.03 -20.56
CA ARG B 32 14.48 -8.14 -20.20
C ARG B 32 13.88 -8.94 -19.05
N ARG B 33 12.70 -8.50 -18.60
CA ARG B 33 12.00 -9.14 -17.48
C ARG B 33 12.94 -9.42 -16.32
N LEU B 34 13.73 -8.42 -15.95
CA LEU B 34 14.64 -8.54 -14.83
C LEU B 34 13.96 -8.07 -13.56
N PRO B 35 14.33 -8.66 -12.42
CA PRO B 35 13.75 -8.24 -11.14
C PRO B 35 14.43 -6.97 -10.60
N GLY B 36 15.58 -6.59 -11.18
CA GLY B 36 16.28 -5.39 -10.75
C GLY B 36 17.43 -4.99 -11.66
N LEU B 37 17.81 -3.71 -11.60
CA LEU B 37 18.93 -3.21 -12.40
C LEU B 37 20.12 -2.80 -11.57
N ILE B 38 21.31 -3.08 -12.08
CA ILE B 38 22.53 -2.57 -11.48
C ILE B 38 22.72 -1.10 -11.82
N VAL B 39 22.84 -0.27 -10.80
CA VAL B 39 23.08 1.15 -10.99
C VAL B 39 24.52 1.46 -10.63
N VAL B 40 25.22 2.18 -11.51
CA VAL B 40 26.57 2.65 -11.22
C VAL B 40 26.59 4.17 -11.21
N ASP B 41 27.69 4.77 -10.74
CA ASP B 41 27.82 6.22 -10.80
C ASP B 41 28.58 6.59 -12.06
N GLU B 42 28.89 7.87 -12.22
CA GLU B 42 29.55 8.37 -13.43
C GLU B 42 30.87 7.64 -13.73
N LYS B 43 31.58 7.26 -12.67
CA LYS B 43 32.84 6.54 -12.82
C LYS B 43 32.63 5.16 -13.47
N GLY B 44 31.48 4.56 -13.22
CA GLY B 44 31.20 3.22 -13.70
C GLY B 44 31.53 2.17 -12.65
N SER B 45 31.57 2.60 -11.38
CA SER B 45 31.75 1.70 -10.26
C SER B 45 30.41 1.47 -9.52
N PRO B 46 30.25 0.28 -8.91
CA PRO B 46 28.96 -0.14 -8.36
C PRO B 46 28.35 0.89 -7.41
N HIS B 47 27.05 1.10 -7.51
CA HIS B 47 26.39 2.07 -6.65
C HIS B 47 25.23 1.44 -5.89
N SER B 48 24.24 0.93 -6.62
CA SER B 48 23.12 0.22 -5.99
C SER B 48 22.37 -0.68 -6.96
N VAL B 49 21.25 -1.22 -6.47
CA VAL B 49 20.37 -2.05 -7.28
C VAL B 49 19.00 -1.42 -7.25
N LEU B 50 18.40 -1.25 -8.42
CA LEU B 50 17.08 -0.67 -8.53
C LEU B 50 16.11 -1.78 -8.88
N PRO B 51 15.35 -2.28 -7.89
CA PRO B 51 14.39 -3.37 -8.13
C PRO B 51 13.16 -2.90 -8.90
N ALA B 52 12.56 -3.78 -9.69
CA ALA B 52 11.39 -3.42 -10.47
C ALA B 52 10.24 -2.92 -9.59
N SER B 53 10.08 -3.54 -8.42
CA SER B 53 9.05 -3.15 -7.49
C SER B 53 9.19 -1.68 -7.04
N GLN B 54 10.42 -1.17 -6.97
CA GLN B 54 10.59 0.24 -6.63
C GLN B 54 10.10 1.10 -7.78
N VAL B 55 10.32 0.64 -9.00
CA VAL B 55 9.87 1.37 -10.17
C VAL B 55 8.34 1.37 -10.20
N VAL B 56 7.75 0.24 -9.85
CA VAL B 56 6.30 0.15 -9.77
C VAL B 56 5.78 1.16 -8.76
N ARG B 57 6.45 1.26 -7.62
CA ARG B 57 6.07 2.21 -6.59
C ARG B 57 6.11 3.67 -7.11
N PHE B 58 7.17 3.98 -7.83
CA PHE B 58 7.34 5.31 -8.41
C PHE B 58 6.24 5.63 -9.41
N LEU B 59 5.88 4.64 -10.23
CA LEU B 59 4.94 4.88 -11.32
C LEU B 59 3.47 5.02 -10.92
N VAL B 60 3.03 4.45 -9.81
CA VAL B 60 1.60 4.52 -9.47
C VAL B 60 1.32 5.71 -8.55
N PRO B 61 0.31 6.54 -8.89
CA PRO B 61 0.02 7.69 -8.03
C PRO B 61 -0.29 7.27 -6.60
N SER B 62 0.20 8.05 -5.64
CA SER B 62 -0.05 7.85 -4.23
C SER B 62 -1.52 7.65 -3.93
N TYR B 63 -2.38 8.46 -4.56
CA TYR B 63 -3.80 8.39 -4.27
C TYR B 63 -4.41 7.08 -4.75
N VAL B 64 -3.78 6.45 -5.73
CA VAL B 64 -4.25 5.15 -6.17
C VAL B 64 -3.73 4.11 -5.19
N GLN B 65 -2.45 4.25 -4.82
CA GLN B 65 -1.83 3.35 -3.87
C GLN B 65 -2.61 3.35 -2.59
N ASP B 66 -3.20 4.50 -2.28
CA ASP B 66 -3.95 4.63 -1.04
C ASP B 66 -5.37 4.09 -1.14
N ASP B 67 -5.79 3.67 -2.34
CA ASP B 67 -7.13 3.09 -2.53
C ASP B 67 -7.03 1.94 -3.50
N PRO B 68 -6.39 0.85 -3.05
CA PRO B 68 -6.02 -0.26 -3.94
C PRO B 68 -7.24 -0.94 -4.56
N SER B 69 -8.42 -0.80 -3.95
CA SER B 69 -9.60 -1.43 -4.48
C SER B 69 -10.39 -0.44 -5.30
N LEU B 70 -9.90 0.80 -5.37
CA LEU B 70 -10.53 1.84 -6.19
C LEU B 70 -11.97 2.07 -5.78
N ALA B 71 -12.22 2.01 -4.49
CA ALA B 71 -13.58 2.18 -4.02
C ALA B 71 -13.97 3.65 -3.98
N ARG B 72 -13.00 4.56 -3.90
CA ARG B 72 -13.35 5.97 -3.77
C ARG B 72 -12.60 6.93 -4.68
N VAL B 73 -11.69 6.41 -5.50
CA VAL B 73 -10.94 7.29 -6.39
C VAL B 73 -10.93 6.75 -7.83
N ILE B 74 -10.57 7.63 -8.76
CA ILE B 74 -10.61 7.30 -10.18
C ILE B 74 -9.23 7.55 -10.77
N ASP B 75 -8.77 6.60 -11.59
CA ASP B 75 -7.61 6.83 -12.44
C ASP B 75 -7.80 6.15 -13.78
N GLU B 76 -8.16 6.91 -14.80
CA GLU B 76 -8.35 6.37 -16.14
C GLU B 76 -7.06 6.52 -16.96
N SER B 77 -5.99 6.98 -16.34
CA SER B 77 -4.80 7.39 -17.11
C SER B 77 -3.48 6.72 -16.71
N LEU B 78 -3.56 5.53 -16.09
CA LEU B 78 -2.37 4.82 -15.61
C LEU B 78 -1.20 4.74 -16.59
N ALA B 79 -1.45 4.16 -17.77
CA ALA B 79 -0.40 4.06 -18.81
C ALA B 79 0.04 5.43 -19.33
N ASP B 80 -0.91 6.33 -19.58
CA ASP B 80 -0.56 7.66 -20.07
C ASP B 80 0.32 8.40 -19.06
N GLN B 81 0.05 8.19 -17.77
CA GLN B 81 0.75 8.94 -16.72
C GLN B 81 2.09 8.32 -16.41
N VAL B 82 2.18 7.00 -16.58
CA VAL B 82 3.45 6.30 -16.46
C VAL B 82 4.40 6.96 -17.42
N ALA B 83 3.90 7.22 -18.62
CA ALA B 83 4.69 7.85 -19.67
C ALA B 83 5.08 9.29 -19.30
N ASP B 84 4.11 10.03 -18.73
CA ASP B 84 4.35 11.44 -18.38
C ASP B 84 5.41 11.59 -17.29
N LYS B 85 5.42 10.70 -16.31
CA LYS B 85 6.31 10.89 -15.16
C LYS B 85 7.73 10.31 -15.33
N LEU B 86 7.94 9.53 -16.40
CA LEU B 86 9.29 9.10 -16.77
C LEU B 86 10.03 10.21 -17.55
N ALA B 87 9.29 10.94 -18.38
CA ALA B 87 9.88 11.96 -19.26
C ALA B 87 10.66 13.03 -18.50
N GLY B 88 11.95 13.19 -18.84
CA GLY B 88 12.80 14.21 -18.23
C GLY B 88 13.29 13.88 -16.82
N VAL B 89 13.28 12.60 -16.47
CA VAL B 89 13.66 12.14 -15.14
C VAL B 89 14.84 11.16 -15.22
N THR B 90 15.74 11.22 -14.25
CA THR B 90 16.90 10.34 -14.23
C THR B 90 16.69 9.12 -13.34
N VAL B 91 17.57 8.13 -13.46
CA VAL B 91 17.55 6.93 -12.63
C VAL B 91 17.58 7.28 -11.13
N ARG B 92 18.39 8.28 -10.79
CA ARG B 92 18.54 8.75 -9.42
C ARG B 92 17.20 9.06 -8.74
N LYS B 93 16.25 9.60 -9.50
CA LYS B 93 14.93 9.93 -8.95
C LYS B 93 14.06 8.70 -8.70
N LEU B 94 14.31 7.62 -9.44
CA LEU B 94 13.57 6.36 -9.25
C LEU B 94 13.96 5.69 -7.93
N LEU B 95 15.22 5.86 -7.56
CA LEU B 95 15.77 5.23 -6.38
C LEU B 95 15.05 5.72 -5.13
N PRO B 96 14.91 4.84 -4.14
CA PRO B 96 14.32 5.15 -2.82
C PRO B 96 15.24 6.00 -1.95
N SER B 97 14.79 6.32 -0.74
CA SER B 97 15.58 7.14 0.19
C SER B 97 16.93 6.49 0.49
N GLN B 98 16.91 5.22 0.87
CA GLN B 98 18.14 4.49 1.12
C GLN B 98 18.27 3.38 0.09
N PRO B 99 19.00 3.65 -1.00
CA PRO B 99 19.12 2.70 -2.11
C PRO B 99 19.67 1.37 -1.63
N ALA B 100 19.05 0.29 -2.09
CA ALA B 100 19.48 -1.07 -1.75
C ALA B 100 20.90 -1.29 -2.26
N GLU B 101 21.86 -1.26 -1.35
CA GLU B 101 23.28 -1.36 -1.71
C GLU B 101 23.60 -2.61 -2.53
N LEU B 102 24.72 -2.56 -3.25
CA LEU B 102 25.07 -3.64 -4.17
C LEU B 102 26.40 -4.24 -3.78
N PRO B 103 26.37 -5.46 -3.24
CA PRO B 103 27.61 -6.13 -2.82
C PRO B 103 28.48 -6.42 -4.03
N VAL B 104 29.79 -6.39 -3.77
CA VAL B 104 30.81 -6.46 -4.79
C VAL B 104 31.84 -7.52 -4.40
N VAL B 105 32.13 -8.42 -5.33
CA VAL B 105 33.17 -9.42 -5.13
C VAL B 105 34.21 -9.26 -6.23
N LYS B 106 35.39 -9.86 -6.05
CA LYS B 106 36.44 -9.77 -7.06
C LYS B 106 36.32 -10.84 -8.14
N HIS B 107 37.11 -10.67 -9.19
CA HIS B 107 37.17 -11.62 -10.29
C HIS B 107 37.76 -12.95 -9.83
N ASP B 108 38.43 -12.92 -8.68
CA ASP B 108 39.17 -14.09 -8.21
C ASP B 108 38.61 -14.73 -6.94
N ASP B 109 37.50 -14.21 -6.42
CA ASP B 109 36.88 -14.79 -5.22
C ASP B 109 36.43 -16.24 -5.46
N THR B 110 36.46 -17.04 -4.40
CA THR B 110 36.00 -18.42 -4.49
C THR B 110 34.46 -18.46 -4.46
N VAL B 111 33.88 -19.58 -4.88
CA VAL B 111 32.44 -19.81 -4.79
C VAL B 111 31.92 -19.56 -3.38
N LEU B 112 32.63 -20.12 -2.40
CA LEU B 112 32.23 -19.99 -1.00
C LEU B 112 32.40 -18.57 -0.48
N GLU B 113 33.48 -17.91 -0.89
CA GLU B 113 33.62 -16.47 -0.64
C GLU B 113 32.40 -15.71 -1.19
N VAL B 114 32.04 -15.98 -2.44
CA VAL B 114 30.88 -15.32 -3.04
C VAL B 114 29.60 -15.66 -2.30
N ALA B 115 29.40 -16.95 -2.07
CA ALA B 115 28.21 -17.41 -1.37
C ALA B 115 28.10 -16.78 0.02
N ALA B 116 29.22 -16.70 0.73
CA ALA B 116 29.25 -16.07 2.05
C ALA B 116 28.69 -14.64 2.04
N ILE B 117 29.22 -13.81 1.15
CA ILE B 117 28.80 -12.42 1.04
C ILE B 117 27.32 -12.31 0.67
N ALA B 119 25.04 -14.59 1.15
CA ALA B 119 24.29 -15.11 2.29
C ALA B 119 24.20 -14.13 3.46
N ARG B 120 25.13 -13.17 3.54
CA ARG B 120 25.08 -12.18 4.61
C ARG B 120 23.88 -11.25 4.49
N LEU B 121 23.72 -10.64 3.32
CA LEU B 121 22.67 -9.65 3.12
C LEU B 121 21.39 -10.25 2.56
N ARG B 122 21.35 -11.57 2.43
CA ARG B 122 20.29 -12.24 1.71
C ARG B 122 20.01 -11.47 0.43
N CYS B 123 21.08 -11.08 -0.25
CA CYS B 123 20.94 -10.23 -1.44
C CYS B 123 20.82 -11.13 -2.67
N PRO B 124 20.06 -10.69 -3.67
CA PRO B 124 19.83 -11.55 -4.84
C PRO B 124 21.00 -11.56 -5.82
N LEU B 125 21.93 -10.63 -5.67
CA LEU B 125 22.89 -10.31 -6.73
C LEU B 125 24.19 -9.72 -6.20
N VAL B 126 25.32 -10.09 -6.80
CA VAL B 126 26.59 -9.43 -6.53
C VAL B 126 27.24 -8.95 -7.83
N ALA B 127 27.93 -7.82 -7.75
CA ALA B 127 28.67 -7.32 -8.90
C ALA B 127 30.09 -7.87 -8.87
N VAL B 128 30.62 -8.27 -10.02
CA VAL B 128 32.01 -8.70 -10.09
C VAL B 128 32.85 -7.59 -10.70
N VAL B 129 33.95 -7.26 -10.04
CA VAL B 129 34.78 -6.15 -10.50
C VAL B 129 36.21 -6.60 -10.77
N LYS B 130 36.85 -5.91 -11.71
CA LYS B 130 38.26 -6.14 -12.05
C LYS B 130 38.77 -4.90 -12.75
N ILE B 134 32.72 -2.76 -13.07
CA ILE B 134 31.89 -3.96 -13.17
C ILE B 134 32.17 -4.69 -14.49
N ILE B 135 32.47 -5.99 -14.40
CA ILE B 135 32.67 -6.81 -15.59
C ILE B 135 31.59 -7.88 -15.67
N GLY B 136 30.70 -7.87 -14.69
CA GLY B 136 29.60 -8.83 -14.64
C GLY B 136 28.98 -8.96 -13.26
N ALA B 137 28.08 -9.93 -13.13
CA ALA B 137 27.34 -10.11 -11.90
C ALA B 137 27.00 -11.57 -11.71
N ILE B 138 26.78 -11.97 -10.46
CA ILE B 138 26.44 -13.34 -10.12
C ILE B 138 25.13 -13.37 -9.33
N THR B 139 24.08 -13.92 -9.92
CA THR B 139 22.80 -14.03 -9.22
C THR B 139 22.83 -15.21 -8.27
N ALA B 140 21.89 -15.25 -7.33
CA ALA B 140 21.78 -16.38 -6.43
C ALA B 140 21.58 -17.69 -7.21
N SER B 141 20.73 -17.64 -8.23
CA SER B 141 20.38 -18.87 -8.95
C SER B 141 21.57 -19.40 -9.72
N ARG B 142 22.39 -18.48 -10.22
CA ARG B 142 23.64 -18.84 -10.89
C ARG B 142 24.59 -19.59 -9.96
N LEU B 143 24.71 -19.06 -8.74
CA LEU B 143 25.51 -19.71 -7.70
C LEU B 143 24.97 -21.10 -7.38
N LEU B 144 23.66 -21.20 -7.18
CA LEU B 144 23.04 -22.50 -6.98
C LEU B 144 23.30 -23.39 -8.18
N GLU B 145 23.19 -22.83 -9.39
CA GLU B 145 23.38 -23.61 -10.60
C GLU B 145 24.77 -24.25 -10.62
N LEU B 146 25.77 -23.47 -10.24
CA LEU B 146 27.14 -23.96 -10.23
C LEU B 146 27.36 -25.11 -9.26
N VAL B 147 26.93 -24.94 -8.00
CA VAL B 147 27.18 -25.97 -6.99
C VAL B 147 26.33 -27.23 -7.22
N VAL B 148 25.39 -27.15 -8.16
CA VAL B 148 24.46 -28.24 -8.41
C VAL B 148 24.41 -28.61 -9.89
N ALA C 3 -18.58 -18.96 -1.04
CA ALA C 3 -17.83 -18.22 -0.04
C ALA C 3 -18.78 -17.56 0.95
N HIS C 5 -20.25 -14.68 3.37
CA HIS C 5 -20.33 -13.21 3.45
C HIS C 5 -20.93 -12.76 4.78
N GLY C 6 -20.98 -11.45 5.00
CA GLY C 6 -21.44 -10.92 6.27
C GLY C 6 -22.83 -11.39 6.68
N GLU C 7 -23.69 -11.58 5.68
CA GLU C 7 -25.06 -12.02 5.91
C GLU C 7 -25.08 -13.39 6.59
N GLN C 8 -24.44 -14.37 5.97
CA GLN C 8 -24.36 -15.69 6.58
C GLN C 8 -23.65 -15.69 7.93
N ALA C 10 -23.64 -13.25 10.24
CA ALA C 10 -24.41 -12.53 11.26
C ALA C 10 -25.30 -13.44 12.11
N GLU C 11 -25.51 -13.07 13.36
CA GLU C 11 -26.49 -13.73 14.20
C GLU C 11 -27.42 -12.68 14.78
N GLN C 12 -28.58 -13.11 15.27
CA GLN C 12 -29.46 -12.20 16.00
C GLN C 12 -28.74 -11.69 17.24
N PHE C 13 -29.02 -10.44 17.61
CA PHE C 13 -28.37 -9.82 18.75
C PHE C 13 -29.39 -8.93 19.44
N PRO C 14 -29.29 -8.80 20.77
CA PRO C 14 -30.26 -7.94 21.45
C PRO C 14 -29.89 -6.48 21.23
N VAL C 15 -30.91 -5.66 21.10
CA VAL C 15 -30.75 -4.27 20.67
C VAL C 15 -31.61 -3.39 21.59
N VAL C 16 -31.11 -2.22 21.97
CA VAL C 16 -31.95 -1.22 22.64
C VAL C 16 -31.87 0.12 21.90
N GLY C 17 -32.82 1.03 22.14
CA GLY C 17 -32.77 2.34 21.51
C GLY C 17 -32.22 3.40 22.45
N LEU C 18 -31.88 4.58 21.94
CA LEU C 18 -31.32 5.65 22.77
C LEU C 18 -32.35 6.15 23.77
N ASP C 19 -33.62 6.10 23.38
CA ASP C 19 -34.72 6.52 24.23
C ASP C 19 -35.33 5.32 24.98
N SER C 20 -34.76 4.13 24.79
CA SER C 20 -35.16 2.96 25.59
C SER C 20 -34.96 3.19 27.09
N ASP C 21 -35.82 2.58 27.88
CA ASP C 21 -35.78 2.67 29.32
C ASP C 21 -34.47 2.07 29.86
N ALA C 22 -33.81 2.78 30.78
CA ALA C 22 -32.50 2.34 31.27
C ALA C 22 -32.57 0.97 31.92
N ARG C 23 -33.60 0.78 32.74
CA ARG C 23 -33.84 -0.50 33.41
C ARG C 23 -33.90 -1.70 32.44
N GLU C 24 -34.57 -1.51 31.31
CA GLU C 24 -34.73 -2.59 30.34
C GLU C 24 -33.37 -3.00 29.83
N ALA C 25 -32.51 -2.02 29.59
CA ALA C 25 -31.18 -2.29 29.06
C ALA C 25 -30.39 -3.09 30.08
N VAL C 26 -30.53 -2.71 31.35
CA VAL C 26 -29.71 -3.31 32.40
C VAL C 26 -30.19 -4.75 32.65
N GLU C 27 -31.49 -4.93 32.54
CA GLU C 27 -32.06 -6.27 32.67
C GLU C 27 -31.62 -7.18 31.54
N LEU C 28 -31.48 -6.66 30.33
CA LEU C 28 -31.02 -7.46 29.20
C LEU C 28 -29.58 -7.89 29.45
N LEU C 29 -28.76 -6.95 29.91
CA LEU C 29 -27.34 -7.24 30.16
C LEU C 29 -27.21 -8.33 31.21
N ALA C 30 -28.01 -8.23 32.26
CA ALA C 30 -27.93 -9.17 33.38
C ALA C 30 -28.49 -10.54 33.04
N SER C 31 -29.67 -10.57 32.44
CA SER C 31 -30.39 -11.79 32.10
C SER C 31 -29.65 -12.63 31.06
N ARG C 32 -29.32 -12.02 29.93
CA ARG C 32 -28.63 -12.72 28.87
C ARG C 32 -27.12 -12.75 29.07
N ARG C 33 -26.66 -12.26 30.23
CA ARG C 33 -25.24 -12.23 30.57
C ARG C 33 -24.39 -11.78 29.38
N LEU C 34 -24.81 -10.65 28.83
CA LEU C 34 -24.18 -10.07 27.68
C LEU C 34 -23.15 -9.11 28.18
N PRO C 35 -21.98 -9.13 27.54
CA PRO C 35 -20.92 -8.16 27.82
C PRO C 35 -21.35 -6.73 27.44
N GLY C 36 -22.25 -6.60 26.45
CA GLY C 36 -22.76 -5.30 26.02
C GLY C 36 -23.95 -5.36 25.07
N LEU C 37 -24.63 -4.23 24.89
CA LEU C 37 -25.78 -4.16 24.00
C LEU C 37 -25.49 -3.28 22.81
N ILE C 38 -26.00 -3.68 21.65
CA ILE C 38 -26.03 -2.80 20.50
C ILE C 38 -27.07 -1.71 20.77
N VAL C 39 -26.74 -0.45 20.49
CA VAL C 39 -27.69 0.66 20.63
C VAL C 39 -28.03 1.25 19.26
N VAL C 40 -29.31 1.46 18.99
CA VAL C 40 -29.72 2.04 17.73
C VAL C 40 -30.34 3.44 17.86
N ASP C 41 -30.37 4.17 16.73
CA ASP C 41 -31.15 5.40 16.56
C ASP C 41 -32.63 5.13 16.71
N GLU C 42 -33.45 6.17 16.71
CA GLU C 42 -34.90 5.99 16.67
C GLU C 42 -35.28 5.27 15.36
N LYS C 43 -34.49 5.52 14.32
CA LYS C 43 -34.70 4.89 13.02
C LYS C 43 -34.45 3.39 13.06
N GLY C 44 -33.48 2.97 13.88
CA GLY C 44 -33.05 1.59 13.92
C GLY C 44 -31.68 1.43 13.31
N SER C 45 -30.98 2.56 13.15
CA SER C 45 -29.63 2.53 12.60
C SER C 45 -28.61 2.37 13.71
N PRO C 46 -27.59 1.53 13.47
CA PRO C 46 -26.59 1.21 14.49
C PRO C 46 -25.95 2.49 15.01
N HIS C 47 -25.84 2.65 16.33
CA HIS C 47 -25.37 3.89 16.92
C HIS C 47 -24.12 3.67 17.77
N SER C 48 -24.20 2.77 18.75
CA SER C 48 -23.03 2.46 19.57
C SER C 48 -23.26 1.16 20.35
N VAL C 49 -22.30 0.85 21.23
CA VAL C 49 -22.37 -0.31 22.09
C VAL C 49 -22.33 0.14 23.55
N LEU C 50 -23.26 -0.38 24.34
CA LEU C 50 -23.29 -0.12 25.77
C LEU C 50 -22.72 -1.35 26.50
N PRO C 51 -21.46 -1.29 26.95
CA PRO C 51 -20.91 -2.47 27.65
C PRO C 51 -21.41 -2.48 29.10
N ALA C 52 -21.51 -3.67 29.69
CA ALA C 52 -22.05 -3.82 31.04
C ALA C 52 -21.21 -3.02 32.01
N SER C 53 -19.90 -3.03 31.78
CA SER C 53 -18.98 -2.28 32.61
C SER C 53 -19.40 -0.83 32.68
N GLN C 54 -19.92 -0.28 31.57
CA GLN C 54 -20.33 1.12 31.58
C GLN C 54 -21.52 1.32 32.49
N VAL C 55 -22.36 0.29 32.60
CA VAL C 55 -23.52 0.43 33.46
C VAL C 55 -23.12 0.38 34.93
N VAL C 56 -22.16 -0.48 35.25
CA VAL C 56 -21.60 -0.55 36.60
C VAL C 56 -21.10 0.83 36.98
N ARG C 57 -20.47 1.48 36.02
CA ARG C 57 -19.87 2.79 36.24
C ARG C 57 -20.96 3.80 36.52
N PHE C 58 -22.09 3.64 35.84
CA PHE C 58 -23.22 4.53 36.08
C PHE C 58 -23.77 4.36 37.48
N LEU C 59 -23.86 3.13 37.96
CA LEU C 59 -24.45 2.85 39.27
C LEU C 59 -23.54 3.18 40.49
N VAL C 60 -22.22 3.12 40.31
CA VAL C 60 -21.35 3.37 41.44
C VAL C 60 -21.14 4.87 41.58
N PRO C 61 -21.48 5.43 42.74
CA PRO C 61 -21.29 6.88 42.90
C PRO C 61 -19.84 7.27 42.66
N SER C 62 -19.66 8.41 42.01
CA SER C 62 -18.37 8.91 41.55
C SER C 62 -17.31 8.98 42.65
N TYR C 63 -17.74 9.36 43.85
CA TYR C 63 -16.78 9.52 44.93
C TYR C 63 -16.27 8.18 45.43
N VAL C 64 -17.00 7.11 45.17
CA VAL C 64 -16.52 5.78 45.54
C VAL C 64 -15.56 5.27 44.47
N GLN C 65 -15.81 5.63 43.21
CA GLN C 65 -14.90 5.28 42.13
C GLN C 65 -13.53 5.96 42.28
N ASP C 66 -13.50 7.17 42.83
CA ASP C 66 -12.26 7.92 42.99
C ASP C 66 -11.26 7.18 43.86
N ASP C 67 -11.78 6.38 44.80
CA ASP C 67 -10.95 5.53 45.65
C ASP C 67 -11.84 4.37 46.09
N PRO C 68 -11.80 3.25 45.35
CA PRO C 68 -12.61 2.07 45.68
C PRO C 68 -12.39 1.55 47.09
N SER C 69 -11.22 1.80 47.69
CA SER C 69 -10.94 1.27 49.03
C SER C 69 -11.85 1.89 50.07
N LEU C 70 -12.50 3.00 49.71
CA LEU C 70 -13.46 3.67 50.60
C LEU C 70 -14.66 2.76 50.87
N ALA C 71 -14.91 1.83 49.97
CA ALA C 71 -16.02 0.90 50.12
C ALA C 71 -15.82 0.05 51.36
N ARG C 72 -14.59 -0.01 51.85
CA ARG C 72 -14.35 -0.76 53.06
C ARG C 72 -14.96 -0.07 54.28
N VAL C 73 -15.29 1.21 54.18
CA VAL C 73 -15.72 1.92 55.37
C VAL C 73 -17.03 2.66 55.20
N ILE C 74 -17.63 2.56 54.01
CA ILE C 74 -18.96 3.16 53.81
C ILE C 74 -19.99 2.10 53.46
N ASP C 75 -21.27 2.40 53.69
CA ASP C 75 -22.33 1.49 53.28
C ASP C 75 -23.08 2.04 52.07
N GLU C 76 -23.14 1.24 51.00
CA GLU C 76 -23.96 1.61 49.86
C GLU C 76 -24.41 0.34 49.14
N SER C 77 -25.67 -0.02 49.32
CA SER C 77 -26.20 -1.19 48.63
C SER C 77 -26.63 -0.79 47.23
N LEU C 78 -25.93 -1.29 46.21
CA LEU C 78 -26.33 -1.04 44.83
C LEU C 78 -27.70 -1.64 44.56
N ALA C 79 -27.97 -2.81 45.13
CA ALA C 79 -29.28 -3.43 44.93
C ALA C 79 -30.40 -2.56 45.52
N ASP C 80 -30.15 -1.95 46.68
CA ASP C 80 -31.20 -1.16 47.32
C ASP C 80 -31.46 0.13 46.54
N GLN C 81 -30.47 0.56 45.76
CA GLN C 81 -30.51 1.88 45.15
C GLN C 81 -30.86 1.83 43.66
N VAL C 82 -30.66 0.67 43.04
CA VAL C 82 -30.67 0.56 41.58
C VAL C 82 -31.99 1.01 40.94
N ALA C 83 -33.12 0.67 41.54
CA ALA C 83 -34.41 1.11 41.05
C ALA C 83 -34.54 2.63 41.04
N ASP C 84 -34.17 3.26 42.16
CA ASP C 84 -34.24 4.72 42.21
C ASP C 84 -33.28 5.30 41.16
N LYS C 85 -32.08 4.72 41.09
CA LYS C 85 -31.07 5.17 40.14
C LYS C 85 -31.48 5.11 38.66
N LEU C 86 -32.34 4.16 38.29
CA LEU C 86 -32.65 3.96 36.86
C LEU C 86 -33.98 4.57 36.44
N ALA C 87 -34.72 5.09 37.41
CA ALA C 87 -36.04 5.65 37.17
C ALA C 87 -35.99 6.91 36.30
N GLY C 88 -36.76 6.92 35.22
CA GLY C 88 -36.81 8.06 34.32
C GLY C 88 -35.53 8.28 33.54
N VAL C 89 -34.64 7.29 33.61
CA VAL C 89 -33.38 7.40 32.92
C VAL C 89 -33.45 6.57 31.62
N THR C 90 -32.94 7.13 30.53
CA THR C 90 -32.93 6.43 29.26
C THR C 90 -31.55 5.88 28.97
N VAL C 91 -31.49 4.99 27.98
CA VAL C 91 -30.23 4.44 27.51
C VAL C 91 -29.19 5.52 27.17
N ARG C 92 -29.64 6.63 26.59
CA ARG C 92 -28.78 7.75 26.20
C ARG C 92 -27.93 8.23 27.37
N LYS C 93 -28.53 8.26 28.55
CA LYS C 93 -27.83 8.74 29.72
C LYS C 93 -26.89 7.71 30.33
N LEU C 94 -27.06 6.44 29.95
CA LEU C 94 -26.16 5.40 30.44
C LEU C 94 -24.82 5.48 29.71
N LEU C 95 -24.87 6.00 28.50
CA LEU C 95 -23.70 6.07 27.65
C LEU C 95 -22.64 7.05 28.18
N PRO C 96 -21.36 6.74 27.96
CA PRO C 96 -20.26 7.63 28.37
C PRO C 96 -20.16 8.82 27.43
N SER C 97 -19.33 9.81 27.76
CA SER C 97 -19.23 10.99 26.91
C SER C 97 -18.74 10.68 25.50
N GLN C 98 -17.94 9.62 25.37
CA GLN C 98 -17.48 9.17 24.07
C GLN C 98 -17.91 7.71 23.88
N PRO C 99 -19.16 7.52 23.43
CA PRO C 99 -19.74 6.18 23.35
C PRO C 99 -18.88 5.23 22.51
N ALA C 100 -18.85 3.97 22.94
CA ALA C 100 -18.08 2.94 22.25
C ALA C 100 -18.54 2.76 20.80
N GLU C 101 -17.60 2.67 19.88
CA GLU C 101 -17.91 2.56 18.45
C GLU C 101 -18.66 1.27 18.15
N LEU C 102 -19.54 1.33 17.17
CA LEU C 102 -20.15 0.11 16.65
C LEU C 102 -19.87 0.06 15.18
N PRO C 103 -18.75 -0.59 14.80
CA PRO C 103 -18.45 -0.63 13.36
C PRO C 103 -19.57 -1.36 12.61
N VAL C 104 -19.80 -0.95 11.38
CA VAL C 104 -20.89 -1.48 10.57
C VAL C 104 -20.30 -2.08 9.32
N VAL C 105 -20.62 -3.33 9.00
CA VAL C 105 -20.16 -3.89 7.74
C VAL C 105 -21.36 -4.28 6.88
N LYS C 106 -21.17 -4.26 5.57
CA LYS C 106 -22.25 -4.57 4.64
C LYS C 106 -22.46 -6.09 4.56
N HIS C 107 -23.68 -6.49 4.16
CA HIS C 107 -24.07 -7.89 4.14
C HIS C 107 -23.25 -8.75 3.18
N ASP C 108 -22.61 -8.13 2.21
CA ASP C 108 -21.87 -8.88 1.21
C ASP C 108 -20.35 -8.88 1.41
N ASP C 109 -19.88 -8.25 2.49
CA ASP C 109 -18.46 -8.28 2.85
C ASP C 109 -18.03 -9.73 3.04
N THR C 110 -16.82 -10.07 2.57
CA THR C 110 -16.28 -11.42 2.78
C THR C 110 -15.66 -11.57 4.16
N VAL C 111 -15.27 -12.78 4.49
CA VAL C 111 -14.67 -13.06 5.80
C VAL C 111 -13.42 -12.19 6.03
N LEU C 112 -12.56 -12.12 5.03
CA LEU C 112 -11.31 -11.38 5.15
C LEU C 112 -11.54 -9.89 5.47
N GLU C 113 -12.48 -9.26 4.79
CA GLU C 113 -12.75 -7.85 5.07
C GLU C 113 -13.30 -7.65 6.46
N VAL C 114 -14.32 -8.43 6.82
CA VAL C 114 -14.85 -8.32 8.16
C VAL C 114 -13.72 -8.52 9.17
N ALA C 115 -12.90 -9.55 8.95
CA ALA C 115 -11.82 -9.87 9.89
C ALA C 115 -10.80 -8.74 9.99
N ALA C 116 -10.43 -8.16 8.84
CA ALA C 116 -9.44 -7.10 8.80
C ALA C 116 -9.96 -5.86 9.51
N ILE C 117 -11.24 -5.60 9.38
CA ILE C 117 -11.83 -4.45 10.03
C ILE C 117 -11.81 -4.67 11.53
N ALA C 119 -9.82 -6.68 13.31
CA ALA C 119 -8.42 -6.66 13.79
C ALA C 119 -7.91 -5.23 13.88
N ARG C 120 -8.16 -4.45 12.84
CA ARG C 120 -7.60 -3.10 12.79
C ARG C 120 -8.20 -2.20 13.87
N LEU C 121 -9.52 -2.31 14.04
CA LEU C 121 -10.27 -1.48 14.98
C LEU C 121 -10.27 -2.10 16.39
N ARG C 122 -9.84 -3.36 16.48
CA ARG C 122 -9.77 -4.06 17.76
C ARG C 122 -11.11 -4.09 18.47
N CYS C 123 -12.18 -4.47 17.76
CA CYS C 123 -13.52 -4.34 18.34
C CYS C 123 -14.13 -5.71 18.59
N PRO C 124 -14.95 -5.82 19.64
CA PRO C 124 -15.51 -7.13 19.99
C PRO C 124 -16.63 -7.55 19.06
N LEU C 125 -17.12 -6.60 18.27
CA LEU C 125 -18.42 -6.75 17.65
C LEU C 125 -18.58 -5.75 16.50
N VAL C 126 -19.07 -6.23 15.35
CA VAL C 126 -19.53 -5.34 14.27
C VAL C 126 -21.02 -5.61 13.97
N ALA C 127 -21.77 -4.57 13.60
CA ALA C 127 -23.14 -4.75 13.11
C ALA C 127 -23.12 -5.00 11.61
N VAL C 128 -24.01 -5.87 11.13
CA VAL C 128 -24.13 -6.10 9.70
C VAL C 128 -25.39 -5.44 9.16
N VAL C 129 -25.26 -4.75 8.02
CA VAL C 129 -26.41 -4.08 7.45
C VAL C 129 -26.66 -4.50 6.01
N LYS C 130 -27.94 -4.59 5.68
CA LYS C 130 -28.35 -4.74 4.29
C LYS C 130 -29.37 -3.65 4.03
N ASN C 131 -29.21 -2.95 2.90
CA ASN C 131 -30.12 -1.87 2.52
C ASN C 131 -30.31 -0.86 3.66
N LYS C 132 -29.22 -0.43 4.26
CA LYS C 132 -29.24 0.56 5.33
C LYS C 132 -30.00 0.06 6.57
N GLU C 133 -30.00 -1.26 6.78
CA GLU C 133 -30.73 -1.85 7.90
C GLU C 133 -29.96 -2.97 8.61
N ILE C 134 -30.04 -3.01 9.94
CA ILE C 134 -29.34 -4.01 10.72
C ILE C 134 -30.01 -5.38 10.54
N ILE C 135 -29.25 -6.38 10.13
CA ILE C 135 -29.83 -7.71 9.98
C ILE C 135 -29.21 -8.70 10.96
N GLY C 136 -28.22 -8.23 11.70
CA GLY C 136 -27.62 -9.03 12.75
C GLY C 136 -26.25 -8.48 13.13
N ALA C 137 -25.47 -9.31 13.81
CA ALA C 137 -24.17 -8.90 14.30
C ALA C 137 -23.18 -10.05 14.25
N ILE C 138 -21.90 -9.70 14.12
CA ILE C 138 -20.81 -10.65 14.14
C ILE C 138 -19.88 -10.30 15.30
N THR C 139 -19.77 -11.17 16.31
CA THR C 139 -18.79 -10.95 17.37
C THR C 139 -17.45 -11.56 16.95
N ALA C 140 -16.38 -11.14 17.62
CA ALA C 140 -15.07 -11.73 17.36
C ALA C 140 -15.09 -13.25 17.56
N SER C 141 -15.74 -13.72 18.63
CA SER C 141 -15.76 -15.14 18.89
C SER C 141 -16.57 -15.90 17.82
N ARG C 142 -17.61 -15.27 17.29
CA ARG C 142 -18.34 -15.84 16.16
C ARG C 142 -17.42 -15.96 14.93
N LEU C 143 -16.73 -14.87 14.61
CA LEU C 143 -15.68 -14.89 13.58
C LEU C 143 -14.68 -16.06 13.77
N LEU C 144 -14.04 -16.11 14.94
CA LEU C 144 -13.16 -17.22 15.29
C LEU C 144 -13.79 -18.60 15.03
N GLU C 145 -15.08 -18.73 15.35
CA GLU C 145 -15.81 -19.99 15.17
C GLU C 145 -15.87 -20.39 13.70
N LEU C 146 -16.20 -19.43 12.84
CA LEU C 146 -16.29 -19.69 11.42
C LEU C 146 -14.91 -20.00 10.83
N VAL C 147 -13.87 -19.54 11.51
CA VAL C 147 -12.49 -19.72 11.03
C VAL C 147 -11.88 -21.06 11.43
N VAL C 148 -12.06 -21.50 12.67
CA VAL C 148 -11.49 -22.77 13.12
C VAL C 148 -12.32 -24.00 12.69
N SER C 149 -13.57 -23.75 12.30
CA SER C 149 -14.41 -24.82 11.73
C SER C 149 -14.09 -25.07 10.25
N HIS D 5 -22.53 14.62 -0.67
CA HIS D 5 -21.58 13.83 -1.44
C HIS D 5 -20.66 14.72 -2.25
N GLY D 6 -19.59 14.14 -2.79
CA GLY D 6 -18.62 14.88 -3.59
C GLY D 6 -19.24 15.75 -4.68
N GLU D 7 -20.34 15.27 -5.25
CA GLU D 7 -21.03 16.03 -6.28
C GLU D 7 -21.48 17.37 -5.73
N GLN D 8 -22.01 17.34 -4.51
CA GLN D 8 -22.50 18.55 -3.85
C GLN D 8 -21.38 19.38 -3.21
N ALA D 10 -18.35 19.73 -4.40
CA ALA D 10 -17.53 20.33 -5.45
C ALA D 10 -18.04 21.69 -5.88
N GLU D 11 -17.12 22.52 -6.36
CA GLU D 11 -17.54 23.72 -7.06
C GLU D 11 -16.80 23.88 -8.37
N GLN D 12 -17.36 24.75 -9.23
CA GLN D 12 -16.80 25.07 -10.54
C GLN D 12 -15.38 25.56 -10.36
N PHE D 13 -14.47 25.00 -11.13
CA PHE D 13 -13.07 25.31 -10.99
C PHE D 13 -12.49 25.33 -12.39
N PRO D 14 -11.66 26.34 -12.69
CA PRO D 14 -11.10 26.45 -14.04
C PRO D 14 -10.22 25.25 -14.37
N VAL D 15 -10.44 24.71 -15.57
CA VAL D 15 -9.69 23.59 -16.10
C VAL D 15 -9.02 24.07 -17.38
N VAL D 16 -7.70 23.92 -17.49
CA VAL D 16 -7.02 24.24 -18.73
C VAL D 16 -6.24 23.04 -19.26
N GLY D 17 -6.12 22.94 -20.58
CA GLY D 17 -5.38 21.85 -21.19
C GLY D 17 -3.88 22.08 -21.17
N LEU D 18 -3.13 20.98 -21.20
CA LEU D 18 -1.67 20.97 -21.26
C LEU D 18 -1.16 21.84 -22.41
N ASP D 19 -1.85 21.76 -23.53
CA ASP D 19 -1.42 22.49 -24.71
C ASP D 19 -2.07 23.85 -24.83
N SER D 20 -2.88 24.24 -23.84
CA SER D 20 -3.57 25.52 -23.93
C SER D 20 -2.61 26.70 -23.65
N ASP D 21 -3.02 27.90 -24.06
CA ASP D 21 -2.13 29.07 -24.01
C ASP D 21 -1.83 29.56 -22.59
N ALA D 22 -0.54 29.74 -22.31
CA ALA D 22 -0.06 30.11 -20.99
C ALA D 22 -0.64 31.44 -20.48
N ARG D 23 -0.81 32.39 -21.39
CA ARG D 23 -1.38 33.68 -21.04
C ARG D 23 -2.81 33.54 -20.48
N GLU D 24 -3.66 32.81 -21.20
CA GLU D 24 -5.03 32.58 -20.75
C GLU D 24 -5.06 31.95 -19.35
N ALA D 25 -4.05 31.13 -19.07
CA ALA D 25 -3.95 30.45 -17.77
C ALA D 25 -3.59 31.41 -16.65
N VAL D 26 -2.65 32.31 -16.93
CA VAL D 26 -2.23 33.30 -15.95
C VAL D 26 -3.39 34.26 -15.66
N GLU D 27 -4.18 34.57 -16.67
CA GLU D 27 -5.29 35.50 -16.51
C GLU D 27 -6.34 34.90 -15.57
N LEU D 28 -6.63 33.61 -15.76
CA LEU D 28 -7.52 32.88 -14.86
C LEU D 28 -7.03 32.89 -13.40
N LEU D 29 -5.74 32.64 -13.19
CA LEU D 29 -5.20 32.63 -11.84
C LEU D 29 -5.33 34.01 -11.22
N ALA D 30 -5.14 35.02 -12.04
CA ALA D 30 -5.09 36.41 -11.58
C ALA D 30 -6.48 36.96 -11.30
N SER D 31 -7.45 36.56 -12.12
CA SER D 31 -8.80 37.14 -12.03
C SER D 31 -9.64 36.41 -10.99
N ARG D 32 -9.44 35.09 -10.91
CA ARG D 32 -10.21 34.26 -10.01
C ARG D 32 -9.58 34.18 -8.61
N ARG D 33 -8.35 34.65 -8.50
CA ARG D 33 -7.65 34.69 -7.22
C ARG D 33 -7.63 33.31 -6.54
N LEU D 34 -7.27 32.31 -7.33
CA LEU D 34 -7.17 30.93 -6.88
C LEU D 34 -5.70 30.52 -6.73
N PRO D 35 -5.42 29.63 -5.77
CA PRO D 35 -4.03 29.20 -5.57
C PRO D 35 -3.51 28.36 -6.74
N GLY D 36 -4.42 27.77 -7.53
CA GLY D 36 -3.97 26.93 -8.64
C GLY D 36 -5.04 26.61 -9.68
N LEU D 37 -4.61 26.10 -10.83
CA LEU D 37 -5.52 25.59 -11.85
C LEU D 37 -5.44 24.07 -11.97
N ILE D 38 -6.57 23.46 -12.28
CA ILE D 38 -6.57 22.07 -12.68
C ILE D 38 -6.08 21.96 -14.13
N VAL D 39 -5.05 21.16 -14.34
CA VAL D 39 -4.57 20.86 -15.68
C VAL D 39 -5.06 19.49 -16.11
N VAL D 40 -5.63 19.41 -17.32
CA VAL D 40 -5.93 18.12 -17.95
C VAL D 40 -4.88 17.82 -19.03
N ASP D 41 -4.68 16.54 -19.32
CA ASP D 41 -3.73 16.15 -20.37
C ASP D 41 -4.36 16.33 -21.77
N GLU D 42 -3.64 15.91 -22.81
CA GLU D 42 -4.11 16.08 -24.17
C GLU D 42 -5.40 15.32 -24.40
N LYS D 43 -5.68 14.32 -23.58
CA LYS D 43 -6.90 13.55 -23.79
C LYS D 43 -8.08 14.06 -22.96
N GLY D 44 -7.86 15.18 -22.27
CA GLY D 44 -8.88 15.76 -21.40
C GLY D 44 -8.93 15.12 -20.03
N SER D 45 -7.97 14.23 -19.72
CA SER D 45 -7.94 13.55 -18.42
C SER D 45 -7.24 14.40 -17.37
N PRO D 46 -7.72 14.34 -16.13
CA PRO D 46 -7.02 15.00 -15.02
C PRO D 46 -5.54 14.61 -15.00
N HIS D 47 -4.69 15.63 -14.94
CA HIS D 47 -3.24 15.46 -15.12
C HIS D 47 -2.52 16.07 -13.94
N SER D 48 -2.81 17.33 -13.66
CA SER D 48 -1.98 18.08 -12.71
C SER D 48 -2.68 19.29 -12.11
N VAL D 49 -2.00 19.95 -11.17
CA VAL D 49 -2.40 21.25 -10.65
C VAL D 49 -1.28 22.24 -10.99
N LEU D 50 -1.66 23.41 -11.50
CA LEU D 50 -0.69 24.46 -11.79
C LEU D 50 -0.81 25.57 -10.75
N PRO D 51 0.08 25.57 -9.74
CA PRO D 51 0.06 26.58 -8.68
C PRO D 51 0.45 27.95 -9.22
N ALA D 52 -0.19 28.99 -8.70
CA ALA D 52 0.15 30.35 -9.09
C ALA D 52 1.63 30.65 -8.83
N SER D 53 2.17 30.07 -7.76
CA SER D 53 3.58 30.26 -7.36
C SER D 53 4.54 29.77 -8.41
N GLN D 54 4.12 28.75 -9.16
CA GLN D 54 4.95 28.23 -10.25
C GLN D 54 4.94 29.17 -11.44
N VAL D 55 3.80 29.82 -11.68
CA VAL D 55 3.72 30.79 -12.76
C VAL D 55 4.65 31.96 -12.44
N VAL D 56 4.67 32.36 -11.17
CA VAL D 56 5.54 33.44 -10.75
C VAL D 56 6.98 33.05 -11.03
N ARG D 57 7.33 31.80 -10.74
CA ARG D 57 8.69 31.33 -11.03
C ARG D 57 8.99 31.39 -12.53
N PHE D 58 8.04 30.98 -13.36
CA PHE D 58 8.30 31.04 -14.79
C PHE D 58 8.52 32.48 -15.28
N LEU D 59 7.76 33.44 -14.75
CA LEU D 59 7.82 34.80 -15.27
C LEU D 59 9.09 35.57 -14.92
N VAL D 60 9.69 35.30 -13.78
CA VAL D 60 10.83 36.11 -13.33
C VAL D 60 12.16 35.54 -13.81
N PRO D 61 12.92 36.32 -14.61
CA PRO D 61 14.20 35.89 -15.17
C PRO D 61 15.10 35.34 -14.08
N SER D 62 15.86 34.30 -14.40
CA SER D 62 16.66 33.56 -13.43
C SER D 62 17.65 34.46 -12.66
N TYR D 63 18.09 35.54 -13.30
CA TYR D 63 19.10 36.41 -12.69
C TYR D 63 18.48 37.39 -11.69
N VAL D 64 17.23 37.76 -11.91
CA VAL D 64 16.56 38.60 -10.93
C VAL D 64 16.21 37.78 -9.69
N GLN D 65 15.83 36.51 -9.88
CA GLN D 65 15.61 35.58 -8.77
C GLN D 65 16.86 35.42 -7.89
N ASP D 66 18.03 35.48 -8.51
CA ASP D 66 19.27 35.36 -7.77
C ASP D 66 19.60 36.66 -7.04
N ASP D 67 19.04 37.77 -7.51
CA ASP D 67 19.28 39.07 -6.86
C ASP D 67 18.17 40.03 -7.20
N PRO D 68 17.13 40.06 -6.35
CA PRO D 68 15.92 40.85 -6.57
C PRO D 68 16.25 42.34 -6.63
N SER D 69 17.36 42.74 -6.05
CA SER D 69 17.80 44.13 -6.11
C SER D 69 18.16 44.55 -7.53
N LEU D 70 18.34 43.57 -8.41
CA LEU D 70 18.63 43.84 -9.80
C LEU D 70 17.41 44.34 -10.54
N ALA D 71 16.24 44.19 -9.90
CA ALA D 71 14.99 44.73 -10.43
C ALA D 71 15.09 46.24 -10.58
N ARG D 72 15.67 46.89 -9.57
CA ARG D 72 15.94 48.33 -9.64
C ARG D 72 17.08 48.67 -10.59
N VAL D 73 17.91 47.66 -10.92
CA VAL D 73 19.07 47.89 -11.79
C VAL D 73 18.71 47.82 -13.28
N ILE D 74 17.95 46.79 -13.66
CA ILE D 74 17.49 46.64 -15.04
C ILE D 74 15.97 46.57 -15.13
N ALA D 79 5.21 43.57 -15.93
CA ALA D 79 4.20 44.44 -16.51
C ALA D 79 4.00 44.12 -17.98
N ASP D 80 4.60 44.93 -18.84
CA ASP D 80 4.56 44.67 -20.28
C ASP D 80 5.38 43.43 -20.60
N GLN D 81 6.31 43.10 -19.71
CA GLN D 81 7.24 42.00 -19.91
C GLN D 81 6.63 40.62 -19.72
N VAL D 82 5.45 40.55 -19.11
CA VAL D 82 4.76 39.28 -18.95
C VAL D 82 4.19 38.80 -20.27
N ALA D 83 3.49 39.69 -20.97
CA ALA D 83 2.86 39.36 -22.26
C ALA D 83 3.86 38.87 -23.31
N ASP D 84 5.07 39.43 -23.28
CA ASP D 84 6.13 39.05 -24.21
C ASP D 84 6.73 37.69 -23.88
N LYS D 85 6.80 37.36 -22.59
CA LYS D 85 7.38 36.08 -22.20
C LYS D 85 6.35 34.92 -22.25
N LEU D 86 5.08 35.25 -22.41
CA LEU D 86 4.03 34.22 -22.44
C LEU D 86 3.57 33.94 -23.87
N ALA D 87 4.07 34.73 -24.81
CA ALA D 87 3.70 34.57 -26.21
C ALA D 87 4.25 33.27 -26.77
N GLY D 88 3.38 32.50 -27.42
CA GLY D 88 3.77 31.21 -27.97
C GLY D 88 4.00 30.14 -26.91
N VAL D 89 3.69 30.46 -25.66
CA VAL D 89 3.94 29.54 -24.56
C VAL D 89 2.68 28.79 -24.13
N THR D 90 2.82 27.50 -23.88
CA THR D 90 1.71 26.68 -23.39
C THR D 90 1.86 26.34 -21.91
N VAL D 91 0.75 25.92 -21.32
CA VAL D 91 0.68 25.48 -19.92
C VAL D 91 1.76 24.46 -19.59
N ARG D 92 2.05 23.58 -20.55
CA ARG D 92 3.07 22.55 -20.41
C ARG D 92 4.40 23.10 -19.90
N LYS D 93 4.85 24.23 -20.45
CA LYS D 93 6.16 24.80 -20.08
C LYS D 93 6.13 25.50 -18.73
N LEU D 94 4.93 25.84 -18.25
CA LEU D 94 4.80 26.49 -16.95
C LEU D 94 4.97 25.47 -15.82
N LEU D 95 4.69 24.21 -16.11
CA LEU D 95 4.73 23.18 -15.08
C LEU D 95 6.16 22.89 -14.64
N PRO D 96 6.33 22.46 -13.38
CA PRO D 96 7.63 21.99 -12.91
C PRO D 96 7.93 20.60 -13.46
N SER D 97 9.19 20.18 -13.40
CA SER D 97 9.61 18.89 -13.95
C SER D 97 8.81 17.70 -13.42
N GLN D 98 8.45 17.72 -12.14
CA GLN D 98 7.55 16.70 -11.61
C GLN D 98 6.27 17.37 -11.15
N PRO D 99 5.30 17.54 -12.07
CA PRO D 99 4.06 18.23 -11.76
C PRO D 99 3.35 17.60 -10.53
N ALA D 100 2.69 18.41 -9.71
CA ALA D 100 1.98 17.88 -8.54
C ALA D 100 0.86 16.90 -8.94
N GLU D 101 0.69 15.85 -8.16
CA GLU D 101 -0.36 14.85 -8.37
C GLU D 101 -1.74 15.49 -8.15
N LEU D 102 -2.70 15.17 -9.01
CA LEU D 102 -4.07 15.64 -8.84
C LEU D 102 -5.02 14.48 -8.51
N PRO D 103 -5.31 14.26 -7.23
CA PRO D 103 -6.22 13.17 -6.88
C PRO D 103 -7.63 13.38 -7.46
N VAL D 104 -8.27 12.29 -7.88
CA VAL D 104 -9.58 12.33 -8.51
C VAL D 104 -10.55 11.46 -7.70
N VAL D 105 -11.61 12.07 -7.15
CA VAL D 105 -12.53 11.31 -6.32
C VAL D 105 -13.86 11.09 -7.03
N LYS D 106 -14.48 9.93 -6.76
CA LYS D 106 -15.82 9.65 -7.24
C LYS D 106 -16.85 10.67 -6.74
N HIS D 107 -17.85 10.97 -7.55
CA HIS D 107 -18.86 11.95 -7.19
C HIS D 107 -19.72 11.52 -5.99
N ASP D 108 -19.73 10.23 -5.69
CA ASP D 108 -20.57 9.72 -4.61
C ASP D 108 -19.82 9.44 -3.31
N ASP D 109 -18.56 9.89 -3.21
CA ASP D 109 -17.81 9.75 -1.96
C ASP D 109 -18.46 10.59 -0.86
N THR D 110 -18.33 10.17 0.40
CA THR D 110 -18.86 10.98 1.50
C THR D 110 -17.89 12.09 1.85
N VAL D 111 -18.37 13.06 2.60
CA VAL D 111 -17.53 14.13 3.10
C VAL D 111 -16.31 13.53 3.79
N LEU D 112 -16.56 12.59 4.70
CA LEU D 112 -15.49 12.00 5.51
C LEU D 112 -14.59 11.12 4.68
N GLU D 113 -15.14 10.57 3.59
CA GLU D 113 -14.30 9.83 2.66
C GLU D 113 -13.34 10.80 1.98
N VAL D 114 -13.87 11.90 1.43
CA VAL D 114 -13.05 12.90 0.75
C VAL D 114 -12.02 13.49 1.70
N ALA D 115 -12.47 13.91 2.88
CA ALA D 115 -11.60 14.45 3.95
C ALA D 115 -10.44 13.51 4.26
N ALA D 116 -10.73 12.20 4.27
CA ALA D 116 -9.73 11.18 4.59
C ALA D 116 -8.66 11.07 3.52
N ILE D 117 -9.08 11.12 2.26
CA ILE D 117 -8.18 11.08 1.12
C ILE D 117 -7.25 12.32 1.14
N ALA D 119 -6.63 14.47 3.84
CA ALA D 119 -5.79 14.42 5.03
C ALA D 119 -4.60 13.48 4.83
N ARG D 120 -4.84 12.36 4.16
CA ARG D 120 -3.79 11.36 3.97
C ARG D 120 -2.67 11.89 3.08
N LEU D 121 -3.04 12.56 1.98
CA LEU D 121 -2.09 13.07 1.00
C LEU D 121 -1.64 14.52 1.25
N ARG D 122 -2.28 15.20 2.20
CA ARG D 122 -2.05 16.63 2.40
C ARG D 122 -2.19 17.43 1.11
N CYS D 123 -3.07 17.03 0.22
CA CYS D 123 -3.17 17.74 -1.05
C CYS D 123 -4.10 18.95 -0.91
N PRO D 124 -3.81 20.03 -1.63
CA PRO D 124 -4.64 21.22 -1.47
C PRO D 124 -5.99 21.10 -2.20
N LEU D 125 -6.12 20.13 -3.10
CA LEU D 125 -7.19 20.16 -4.07
C LEU D 125 -7.44 18.74 -4.60
N VAL D 126 -8.70 18.31 -4.68
CA VAL D 126 -9.01 17.13 -5.49
C VAL D 126 -10.01 17.52 -6.58
N ALA D 127 -9.97 16.77 -7.69
CA ALA D 127 -10.98 16.91 -8.74
C ALA D 127 -12.13 15.97 -8.43
N VAL D 128 -13.35 16.37 -8.78
CA VAL D 128 -14.46 15.45 -8.66
C VAL D 128 -14.96 15.04 -10.03
N VAL D 129 -15.08 13.73 -10.24
CA VAL D 129 -15.55 13.22 -11.52
C VAL D 129 -16.85 12.46 -11.39
N LYS D 130 -17.76 12.73 -12.33
CA LYS D 130 -18.96 11.94 -12.50
C LYS D 130 -19.16 11.68 -13.99
N ASN D 131 -19.51 10.43 -14.32
CA ASN D 131 -19.63 9.98 -15.72
C ASN D 131 -18.43 10.31 -16.62
N LYS D 132 -17.23 10.11 -16.08
CA LYS D 132 -15.98 10.35 -16.80
C LYS D 132 -15.81 11.82 -17.19
N GLU D 133 -16.44 12.71 -16.43
CA GLU D 133 -16.37 14.15 -16.70
C GLU D 133 -15.98 14.86 -15.41
N ILE D 134 -15.16 15.90 -15.53
CA ILE D 134 -14.81 16.74 -14.38
C ILE D 134 -15.96 17.71 -14.14
N ILE D 135 -16.52 17.68 -12.94
CA ILE D 135 -17.70 18.50 -12.66
C ILE D 135 -17.35 19.66 -11.74
N GLY D 136 -16.14 19.62 -11.21
CA GLY D 136 -15.65 20.66 -10.33
C GLY D 136 -14.56 20.14 -9.41
N ALA D 137 -14.18 20.98 -8.44
CA ALA D 137 -13.10 20.62 -7.52
C ALA D 137 -13.52 20.83 -6.07
N ILE D 138 -12.78 20.21 -5.16
CA ILE D 138 -12.96 20.42 -3.72
C ILE D 138 -11.61 20.82 -3.15
N THR D 139 -11.49 22.05 -2.66
CA THR D 139 -10.24 22.51 -2.06
C THR D 139 -10.25 22.20 -0.57
N ALA D 140 -9.10 22.36 0.09
CA ALA D 140 -9.01 22.01 1.50
C ALA D 140 -9.90 22.92 2.36
N SER D 141 -9.85 24.22 2.09
CA SER D 141 -10.69 25.18 2.80
C SER D 141 -12.17 24.93 2.52
N ARG D 142 -12.49 24.47 1.32
CA ARG D 142 -13.86 24.10 0.96
C ARG D 142 -14.36 22.93 1.79
N LEU D 143 -13.48 21.97 2.02
CA LEU D 143 -13.81 20.80 2.82
C LEU D 143 -13.98 21.22 4.27
N LEU D 144 -13.19 22.21 4.69
CA LEU D 144 -13.27 22.74 6.04
C LEU D 144 -14.59 23.46 6.28
N GLU D 145 -14.96 24.32 5.33
CA GLU D 145 -16.21 25.06 5.38
C GLU D 145 -17.40 24.14 5.60
N LEU D 146 -17.31 22.94 5.01
CA LEU D 146 -18.38 21.95 5.13
C LEU D 146 -18.49 21.38 6.54
N VAL D 147 -17.35 21.00 7.11
CA VAL D 147 -17.31 20.38 8.43
C VAL D 147 -17.72 21.35 9.55
N VAL D 148 -17.56 22.65 9.29
CA VAL D 148 -17.94 23.68 10.25
C VAL D 148 -19.17 24.44 9.78
#